data_7O55
#
_entry.id   7O55
#
_cell.length_a   42.687
_cell.length_b   42.687
_cell.length_c   215.766
_cell.angle_alpha   90.000
_cell.angle_beta   90.000
_cell.angle_gamma   90.000
#
_symmetry.space_group_name_H-M   'P 43 2 2'
#
loop_
_entity.id
_entity.type
_entity.pdbx_description
1 polymer 'Serine protease subunit NS2B'
2 polymer 'Serine protease NS3'
3 polymer 'Inhibitor MI-2231'
4 water water
#
loop_
_entity_poly.entity_id
_entity_poly.type
_entity_poly.pdbx_seq_one_letter_code
_entity_poly.pdbx_strand_id
1 'polypeptide(L)' MTGKSVDMYIERAGDITWEKDAEVTGNSPRLDVALDESGDFSLVEEDGPPMRE A
2 'polypeptide(L)'
;GSGALWDVPAPKEVKKGETTDGVYRVMTRRLLGSTQVGVGVMQEGVFHTMWHVTKGAALRSGEGRLDPYWGDVKQDLVSY
CGPWKLDAAWDGLSEVQLLAVPPGERAKNIQTLPGIFKTKDGDIGAVALDYPAGTSGSPILDKCGRVIGLYGNGVVIKNG
SYVSAITQGKREEETPVE
;
B
3 'polypeptide(L)' KK(V7T)G(BAL)(DAL) C
#
loop_
_chem_comp.id
_chem_comp.type
_chem_comp.name
_chem_comp.formula
BAL peptide-like BETA-ALANINE 'C3 H7 N O2'
V7T peptide-like '(2R)-6-azanyl-2-carbamimidamido-hexanoic acid' 'C7 H16 N4 O2'
#
# COMPACT_ATOMS: atom_id res chain seq x y z
N ASP A 7 10.60 -15.83 -8.81
CA ASP A 7 9.33 -16.40 -8.36
C ASP A 7 9.06 -15.99 -6.90
N MET A 8 7.87 -15.44 -6.67
CA MET A 8 7.55 -14.67 -5.48
C MET A 8 6.73 -15.49 -4.50
N TYR A 9 6.84 -15.15 -3.21
CA TYR A 9 6.12 -15.87 -2.18
C TYR A 9 5.75 -14.89 -1.08
N ILE A 10 4.72 -15.23 -0.31
CA ILE A 10 4.29 -14.33 0.76
C ILE A 10 4.50 -14.96 2.13
N GLU A 11 4.64 -14.08 3.13
CA GLU A 11 4.96 -14.45 4.50
C GLU A 11 4.12 -13.59 5.43
N ARG A 12 3.31 -14.22 6.28
CA ARG A 12 2.47 -13.45 7.19
C ARG A 12 3.33 -12.61 8.15
N ALA A 13 2.88 -11.39 8.42
CA ALA A 13 3.61 -10.46 9.26
C ALA A 13 2.79 -9.86 10.38
N GLY A 14 1.50 -10.11 10.45
CA GLY A 14 0.73 -9.54 11.54
C GLY A 14 -0.74 -9.46 11.23
N ASP A 15 -1.47 -9.13 12.29
CA ASP A 15 -2.85 -8.72 12.23
C ASP A 15 -2.92 -7.30 11.69
N ILE A 16 -4.09 -6.95 11.18
CA ILE A 16 -4.38 -5.59 10.75
C ILE A 16 -5.23 -4.97 11.85
N THR A 17 -4.59 -4.14 12.68
CA THR A 17 -5.25 -3.57 13.85
C THR A 17 -4.72 -2.17 14.12
N TRP A 18 -5.63 -1.31 14.60
CA TRP A 18 -5.25 0.01 15.10
C TRP A 18 -4.53 -0.13 16.43
N GLU A 19 -3.39 0.56 16.58
CA GLU A 19 -2.59 0.51 17.80
C GLU A 19 -2.82 1.76 18.65
N LYS A 20 -3.40 1.58 19.84
CA LYS A 20 -3.76 2.72 20.69
C LYS A 20 -2.57 3.65 20.92
N ASP A 21 -1.38 3.10 21.14
CA ASP A 21 -0.26 3.91 21.60
C ASP A 21 0.67 4.32 20.46
N ALA A 22 0.14 4.50 19.26
CA ALA A 22 1.00 4.63 18.09
C ALA A 22 1.69 5.98 18.04
N GLU A 23 2.93 5.98 17.58
CA GLU A 23 3.63 7.22 17.27
C GLU A 23 2.85 8.01 16.22
N VAL A 24 2.86 9.34 16.37
CA VAL A 24 2.17 10.24 15.46
C VAL A 24 3.22 11.10 14.76
N THR A 25 3.14 11.20 13.44
CA THR A 25 4.15 11.97 12.73
C THR A 25 3.70 12.15 11.28
N GLY A 26 4.47 12.97 10.55
CA GLY A 26 4.12 13.36 9.20
C GLY A 26 3.18 14.53 9.17
N ASN A 27 3.26 15.36 8.12
CA ASN A 27 2.35 16.48 7.94
C ASN A 27 1.27 16.12 6.91
N SER A 28 0.55 17.12 6.42
CA SER A 28 -0.71 16.95 5.69
C SER A 28 -0.72 17.83 4.46
N PRO A 29 0.22 17.62 3.54
CA PRO A 29 0.35 18.51 2.39
C PRO A 29 -0.87 18.39 1.47
N ARG A 30 -1.26 19.53 0.91
CA ARG A 30 -2.34 19.60 -0.08
C ARG A 30 -1.67 19.89 -1.42
N LEU A 31 -1.72 18.92 -2.33
CA LEU A 31 -0.91 18.93 -3.54
C LEU A 31 -1.77 18.71 -4.77
N ASP A 32 -1.51 19.51 -5.81
CA ASP A 32 -2.10 19.30 -7.13
C ASP A 32 -1.26 18.27 -7.85
N VAL A 33 -1.87 17.17 -8.26
CA VAL A 33 -1.12 16.11 -8.91
C VAL A 33 -1.90 15.64 -10.14
N ALA A 34 -1.19 14.94 -11.00
CA ALA A 34 -1.76 14.29 -12.17
C ALA A 34 -1.35 12.83 -12.17
N LEU A 35 -2.26 11.96 -12.58
CA LEU A 35 -2.02 10.54 -12.70
C LEU A 35 -1.97 10.19 -14.17
N ASP A 36 -0.85 9.64 -14.63
CA ASP A 36 -0.77 9.31 -16.05
C ASP A 36 -1.21 7.86 -16.30
N GLU A 37 -1.25 7.47 -17.59
CA GLU A 37 -1.77 6.16 -17.94
C GLU A 37 -0.88 5.03 -17.43
N SER A 38 0.39 5.30 -17.14
CA SER A 38 1.27 4.31 -16.55
C SER A 38 1.14 4.19 -15.04
N GLY A 39 0.17 4.88 -14.44
CA GLY A 39 0.02 4.82 -12.99
C GLY A 39 1.06 5.60 -12.21
N ASP A 40 1.68 6.61 -12.82
CA ASP A 40 2.60 7.48 -12.10
C ASP A 40 1.93 8.81 -11.77
N PHE A 41 2.02 9.20 -10.50
CA PHE A 41 1.66 10.54 -10.08
C PHE A 41 2.78 11.53 -10.39
N SER A 42 2.39 12.76 -10.75
CA SER A 42 3.29 13.87 -11.01
C SER A 42 2.73 15.14 -10.37
N LEU A 43 3.63 16.00 -9.91
CA LEU A 43 3.26 17.33 -9.44
C LEU A 43 2.96 18.27 -10.60
N VAL A 44 1.92 19.07 -10.44
CA VAL A 44 1.55 20.05 -11.45
C VAL A 44 2.32 21.35 -11.27
N THR B 19 -3.32 -18.54 4.46
CA THR B 19 -4.39 -17.69 3.94
C THR B 19 -5.20 -16.94 5.03
N THR B 20 -4.72 -16.99 6.27
CA THR B 20 -5.32 -16.20 7.34
C THR B 20 -5.35 -14.74 6.93
N ASP B 21 -6.38 -14.03 7.41
CA ASP B 21 -6.40 -12.59 7.25
C ASP B 21 -5.13 -11.98 7.84
N GLY B 22 -4.69 -10.89 7.24
CA GLY B 22 -3.64 -10.10 7.84
C GLY B 22 -2.75 -9.47 6.79
N VAL B 23 -1.62 -8.95 7.27
CA VAL B 23 -0.64 -8.29 6.43
C VAL B 23 0.50 -9.26 6.17
N TYR B 24 0.99 -9.27 4.92
CA TYR B 24 1.98 -10.22 4.45
C TYR B 24 3.10 -9.50 3.71
N ARG B 25 4.32 -9.99 3.90
CA ARG B 25 5.43 -9.55 3.07
C ARG B 25 5.37 -10.28 1.74
N VAL B 26 5.76 -9.58 0.68
CA VAL B 26 5.90 -10.18 -0.65
C VAL B 26 7.40 -10.31 -0.91
N MET B 27 7.87 -11.55 -1.00
CA MET B 27 9.28 -11.89 -1.06
C MET B 27 9.61 -12.49 -2.42
N THR B 28 10.89 -12.39 -2.79
CA THR B 28 11.40 -13.13 -3.94
C THR B 28 12.82 -13.59 -3.66
N ARG B 29 13.18 -14.75 -4.22
CA ARG B 29 14.53 -15.28 -4.10
C ARG B 29 15.27 -15.25 -5.44
N ARG B 30 14.80 -14.43 -6.38
CA ARG B 30 15.47 -14.32 -7.69
C ARG B 30 16.74 -13.50 -7.61
N LEU B 31 16.79 -12.49 -6.74
CA LEU B 31 17.98 -11.65 -6.59
C LEU B 31 18.91 -12.29 -5.55
N LEU B 32 19.88 -11.54 -5.03
CA LEU B 32 20.80 -12.11 -4.05
C LEU B 32 20.09 -12.27 -2.70
N GLY B 33 20.18 -13.48 -2.14
CA GLY B 33 19.48 -13.80 -0.92
C GLY B 33 17.97 -13.75 -1.12
N SER B 34 17.27 -13.39 -0.05
CA SER B 34 15.83 -13.21 -0.07
C SER B 34 15.52 -11.73 0.08
N THR B 35 14.61 -11.24 -0.76
CA THR B 35 14.36 -9.81 -0.91
C THR B 35 12.88 -9.53 -0.77
N GLN B 36 12.54 -8.49 -0.01
CA GLN B 36 11.16 -8.08 0.16
C GLN B 36 10.84 -7.02 -0.90
N VAL B 37 9.99 -7.39 -1.86
CA VAL B 37 9.61 -6.44 -2.91
C VAL B 37 8.34 -5.67 -2.55
N GLY B 38 7.54 -6.18 -1.62
CA GLY B 38 6.43 -5.40 -1.14
C GLY B 38 5.69 -6.08 -0.02
N VAL B 39 4.41 -5.71 0.08
CA VAL B 39 3.54 -6.03 1.20
C VAL B 39 2.13 -6.13 0.64
N GLY B 40 1.29 -6.90 1.33
CA GLY B 40 -0.09 -7.00 0.92
C GLY B 40 -1.01 -7.41 2.04
N VAL B 41 -2.29 -7.38 1.72
CA VAL B 41 -3.39 -7.61 2.64
C VAL B 41 -4.18 -8.82 2.21
N MET B 42 -4.32 -9.76 3.12
CA MET B 42 -5.20 -10.92 2.94
C MET B 42 -6.49 -10.63 3.70
N GLN B 43 -7.58 -10.58 2.97
CA GLN B 43 -8.89 -10.36 3.54
C GLN B 43 -9.90 -11.12 2.71
N GLU B 44 -10.79 -11.85 3.38
CA GLU B 44 -11.91 -12.53 2.73
C GLU B 44 -11.43 -13.48 1.63
N GLY B 45 -10.29 -14.13 1.87
CA GLY B 45 -9.76 -15.08 0.91
C GLY B 45 -9.03 -14.47 -0.27
N VAL B 46 -8.86 -13.14 -0.29
CA VAL B 46 -8.22 -12.45 -1.40
C VAL B 46 -6.98 -11.72 -0.91
N PHE B 47 -5.94 -11.78 -1.73
CA PHE B 47 -4.71 -11.06 -1.46
C PHE B 47 -4.63 -9.84 -2.35
N HIS B 48 -4.38 -8.70 -1.71
CA HIS B 48 -4.38 -7.38 -2.29
C HIS B 48 -2.99 -6.78 -2.14
N THR B 49 -2.45 -6.25 -3.24
CA THR B 49 -1.17 -5.55 -3.22
C THR B 49 -1.15 -4.58 -4.38
N MET B 50 -0.03 -3.88 -4.55
CA MET B 50 0.07 -2.94 -5.63
C MET B 50 0.69 -3.61 -6.85
N TRP B 51 0.21 -3.20 -8.03
CA TRP B 51 0.65 -3.86 -9.26
C TRP B 51 2.16 -3.84 -9.39
N HIS B 52 2.80 -2.71 -9.05
CA HIS B 52 4.23 -2.59 -9.28
C HIS B 52 5.05 -3.49 -8.36
N VAL B 53 4.45 -4.05 -7.31
CA VAL B 53 5.12 -5.06 -6.51
C VAL B 53 5.29 -6.38 -7.28
N THR B 54 4.21 -6.87 -7.93
CA THR B 54 4.23 -8.19 -8.54
C THR B 54 4.17 -8.19 -10.06
N LYS B 55 3.92 -7.04 -10.68
CA LYS B 55 3.59 -6.97 -12.10
C LYS B 55 2.61 -8.07 -12.51
N GLY B 56 1.75 -8.49 -11.59
CA GLY B 56 0.73 -9.47 -11.90
C GLY B 56 1.17 -10.91 -11.88
N ALA B 57 2.38 -11.19 -11.44
CA ALA B 57 2.88 -12.56 -11.39
C ALA B 57 2.07 -13.37 -10.40
N ALA B 58 2.04 -14.69 -10.61
CA ALA B 58 1.51 -15.58 -9.59
C ALA B 58 2.39 -15.59 -8.34
N LEU B 59 1.80 -16.02 -7.23
CA LEU B 59 2.46 -15.99 -5.93
C LEU B 59 2.34 -17.34 -5.21
N ARG B 60 3.43 -17.75 -4.59
CA ARG B 60 3.47 -18.92 -3.73
C ARG B 60 3.08 -18.54 -2.31
N SER B 61 2.17 -19.30 -1.70
CA SER B 61 1.81 -19.14 -0.29
C SER B 61 1.99 -20.50 0.40
N GLY B 62 3.22 -20.82 0.77
CA GLY B 62 3.52 -22.11 1.35
C GLY B 62 3.70 -23.16 0.26
N GLU B 63 2.91 -24.23 0.33
CA GLU B 63 2.85 -25.20 -0.76
C GLU B 63 1.84 -24.80 -1.83
N GLY B 64 0.98 -23.82 -1.55
CA GLY B 64 -0.05 -23.42 -2.47
C GLY B 64 0.38 -22.28 -3.39
N ARG B 65 -0.50 -21.98 -4.34
CA ARG B 65 -0.27 -20.96 -5.34
C ARG B 65 -1.45 -20.01 -5.37
N LEU B 66 -1.14 -18.72 -5.51
CA LEU B 66 -2.16 -17.69 -5.65
C LEU B 66 -2.09 -17.13 -7.06
N ASP B 67 -3.22 -17.15 -7.73
CA ASP B 67 -3.24 -16.69 -9.10
C ASP B 67 -3.86 -15.31 -9.19
N PRO B 68 -3.33 -14.42 -10.02
CA PRO B 68 -3.96 -13.10 -10.17
C PRO B 68 -5.41 -13.23 -10.66
N TYR B 69 -6.24 -12.34 -10.16
CA TYR B 69 -7.67 -12.32 -10.54
C TYR B 69 -8.07 -11.01 -11.20
N TRP B 70 -7.57 -9.89 -10.70
CA TRP B 70 -7.90 -8.58 -11.23
C TRP B 70 -6.69 -7.68 -11.04
N GLY B 71 -6.48 -6.79 -12.00
CA GLY B 71 -5.42 -5.81 -11.90
C GLY B 71 -5.61 -4.63 -12.83
N ASP B 72 -4.98 -3.51 -12.46
CA ASP B 72 -5.06 -2.28 -13.23
C ASP B 72 -3.80 -1.46 -12.99
N VAL B 73 -3.01 -1.30 -14.04
CA VAL B 73 -1.73 -0.61 -13.92
C VAL B 73 -1.92 0.83 -13.49
N LYS B 74 -2.98 1.48 -13.99
CA LYS B 74 -3.17 2.89 -13.71
C LYS B 74 -3.54 3.12 -12.25
N GLN B 75 -4.43 2.29 -11.71
CA GLN B 75 -4.69 2.34 -10.26
C GLN B 75 -3.51 1.78 -9.45
N ASP B 76 -2.61 1.05 -10.11
CA ASP B 76 -1.46 0.38 -9.49
C ASP B 76 -1.88 -0.60 -8.40
N LEU B 77 -2.85 -1.46 -8.73
CA LEU B 77 -3.42 -2.43 -7.81
C LEU B 77 -3.62 -3.76 -8.51
N VAL B 78 -3.66 -4.81 -7.70
CA VAL B 78 -3.87 -6.19 -8.15
C VAL B 78 -4.44 -7.02 -6.99
N SER B 79 -5.36 -7.92 -7.33
CA SER B 79 -5.91 -8.88 -6.38
C SER B 79 -5.70 -10.31 -6.88
N TYR B 80 -5.58 -11.20 -5.91
CA TYR B 80 -5.35 -12.63 -6.14
C TYR B 80 -6.47 -13.42 -5.48
N CYS B 81 -6.91 -14.50 -6.17
CA CYS B 81 -7.87 -15.50 -5.71
C CYS B 81 -9.30 -14.98 -5.79
N GLY B 82 -9.51 -13.71 -6.07
CA GLY B 82 -10.85 -13.15 -6.07
C GLY B 82 -10.83 -11.67 -6.34
N PRO B 83 -12.01 -11.07 -6.46
CA PRO B 83 -12.09 -9.63 -6.72
C PRO B 83 -11.65 -8.82 -5.51
N TRP B 84 -11.24 -7.59 -5.79
CA TRP B 84 -10.85 -6.62 -4.77
C TRP B 84 -11.95 -6.48 -3.72
N LYS B 85 -11.60 -6.70 -2.46
CA LYS B 85 -12.56 -6.72 -1.35
C LYS B 85 -12.55 -5.47 -0.48
N LEU B 86 -11.53 -4.62 -0.56
CA LEU B 86 -11.34 -3.56 0.42
C LEU B 86 -12.11 -2.33 -0.03
N ASP B 87 -13.07 -1.87 0.78
CA ASP B 87 -13.88 -0.74 0.34
C ASP B 87 -13.99 0.40 1.33
N ALA B 88 -13.30 0.34 2.47
CA ALA B 88 -13.30 1.48 3.37
C ALA B 88 -12.58 2.67 2.72
N ALA B 89 -13.02 3.87 3.10
CA ALA B 89 -12.46 5.10 2.62
C ALA B 89 -12.12 6.03 3.77
N TRP B 90 -11.07 6.81 3.59
CA TRP B 90 -10.75 7.88 4.52
C TRP B 90 -11.93 8.86 4.61
N ASP B 91 -12.24 9.29 5.85
CA ASP B 91 -13.37 10.18 6.09
C ASP B 91 -13.04 11.64 5.83
N GLY B 92 -11.78 11.96 5.51
CA GLY B 92 -11.34 13.31 5.21
C GLY B 92 -11.01 14.17 6.42
N LEU B 93 -11.17 13.66 7.63
CA LEU B 93 -11.11 14.41 8.89
C LEU B 93 -10.15 13.80 9.91
N SER B 94 -10.16 12.49 10.05
CA SER B 94 -9.52 11.76 11.13
C SER B 94 -8.10 11.33 10.79
N GLU B 95 -7.31 11.11 11.84
CA GLU B 95 -5.99 10.53 11.64
C GLU B 95 -6.16 9.07 11.25
N VAL B 96 -5.15 8.53 10.59
CA VAL B 96 -5.13 7.15 10.16
C VAL B 96 -3.82 6.52 10.64
N GLN B 97 -3.65 5.23 10.36
CA GLN B 97 -2.40 4.56 10.69
C GLN B 97 -1.89 3.80 9.48
N LEU B 98 -0.66 4.11 9.08
CA LEU B 98 0.11 3.22 8.21
C LEU B 98 0.60 2.06 9.05
N LEU B 99 0.20 0.85 8.65
CA LEU B 99 0.79 -0.37 9.19
C LEU B 99 1.95 -0.73 8.28
N ALA B 100 3.08 -0.08 8.54
CA ALA B 100 4.26 -0.22 7.71
C ALA B 100 4.93 -1.56 8.01
N VAL B 101 5.26 -2.30 6.95
CA VAL B 101 5.98 -3.55 7.09
C VAL B 101 7.29 -3.43 6.32
N PRO B 102 8.33 -2.88 6.93
CA PRO B 102 9.57 -2.60 6.20
C PRO B 102 10.40 -3.85 6.05
N PRO B 103 11.25 -3.92 5.00
CA PRO B 103 12.06 -5.12 4.78
C PRO B 103 12.93 -5.45 5.98
N GLY B 104 12.90 -6.71 6.40
CA GLY B 104 13.71 -7.16 7.49
C GLY B 104 13.31 -6.67 8.86
N GLU B 105 12.22 -5.90 8.98
CA GLU B 105 11.86 -5.26 10.23
C GLU B 105 10.40 -5.55 10.60
N ARG B 106 10.10 -5.52 11.89
CA ARG B 106 8.77 -5.87 12.38
C ARG B 106 7.71 -4.87 11.94
N ALA B 107 6.47 -5.33 11.83
CA ALA B 107 5.36 -4.45 11.47
C ALA B 107 5.17 -3.38 12.54
N LYS B 108 5.04 -2.12 12.12
CA LYS B 108 4.82 -1.04 13.07
C LYS B 108 3.78 -0.06 12.54
N ASN B 109 2.94 0.45 13.45
CA ASN B 109 1.86 1.39 13.14
C ASN B 109 2.36 2.81 13.30
N ILE B 110 2.07 3.65 12.32
CA ILE B 110 2.43 5.05 12.34
C ILE B 110 1.16 5.84 12.13
N GLN B 111 0.80 6.64 13.12
CA GLN B 111 -0.39 7.46 13.04
C GLN B 111 -0.07 8.80 12.41
N THR B 112 -0.98 9.31 11.59
CA THR B 112 -0.73 10.53 10.84
C THR B 112 -2.06 11.11 10.44
N LEU B 113 -2.06 12.41 10.13
CA LEU B 113 -3.22 13.03 9.52
C LEU B 113 -2.96 13.13 8.03
N PRO B 114 -3.72 12.45 7.19
CA PRO B 114 -3.42 12.50 5.76
C PRO B 114 -3.52 13.92 5.21
N GLY B 115 -2.65 14.21 4.25
CA GLY B 115 -2.86 15.30 3.30
C GLY B 115 -3.77 14.86 2.16
N ILE B 116 -3.71 15.61 1.06
CA ILE B 116 -4.66 15.43 -0.03
C ILE B 116 -3.93 15.56 -1.37
N PHE B 117 -4.09 14.56 -2.24
CA PHE B 117 -3.77 14.71 -3.65
C PHE B 117 -5.00 15.29 -4.35
N LYS B 118 -4.88 16.52 -4.85
CA LYS B 118 -5.94 17.15 -5.65
C LYS B 118 -5.70 16.80 -7.11
N THR B 119 -6.66 16.14 -7.74
CA THR B 119 -6.52 15.74 -9.14
C THR B 119 -7.73 16.22 -9.91
N LYS B 120 -7.60 16.17 -11.24
CA LYS B 120 -8.69 16.56 -12.12
C LYS B 120 -9.89 15.64 -11.94
N ASP B 121 -9.69 14.46 -11.38
CA ASP B 121 -10.74 13.47 -11.19
C ASP B 121 -11.13 13.34 -9.72
N GLY B 122 -10.92 14.37 -8.93
CA GLY B 122 -11.28 14.34 -7.53
C GLY B 122 -10.05 14.26 -6.64
N ASP B 123 -10.32 14.28 -5.36
CA ASP B 123 -9.29 14.37 -4.34
C ASP B 123 -9.03 12.99 -3.74
N ILE B 124 -7.75 12.70 -3.50
CA ILE B 124 -7.30 11.43 -2.93
C ILE B 124 -6.56 11.75 -1.64
N GLY B 125 -6.81 10.97 -0.59
CA GLY B 125 -5.97 11.06 0.60
C GLY B 125 -4.54 10.67 0.31
N ALA B 126 -3.61 11.23 1.08
CA ALA B 126 -2.20 10.98 0.89
C ALA B 126 -1.52 11.06 2.24
N VAL B 127 -0.48 10.24 2.45
CA VAL B 127 0.22 10.23 3.74
C VAL B 127 1.68 10.57 3.48
N ALA B 128 2.22 11.52 4.24
CA ALA B 128 3.58 12.00 4.03
C ALA B 128 4.53 11.24 4.97
N LEU B 129 4.75 9.97 4.60
CA LEU B 129 5.58 9.03 5.34
C LEU B 129 6.50 8.34 4.34
N ASP B 130 7.79 8.27 4.67
CA ASP B 130 8.80 7.79 3.73
C ASP B 130 9.39 6.48 4.23
N TYR B 131 9.28 5.44 3.41
CA TYR B 131 9.78 4.13 3.77
C TYR B 131 10.45 3.47 2.57
N PRO B 132 11.20 2.39 2.82
CA PRO B 132 11.83 1.66 1.72
C PRO B 132 10.84 1.17 0.68
N ALA B 133 11.35 1.05 -0.55
CA ALA B 133 10.54 0.61 -1.68
C ALA B 133 9.75 -0.65 -1.35
N GLY B 134 10.41 -1.65 -0.78
CA GLY B 134 9.77 -2.92 -0.44
C GLY B 134 8.68 -2.82 0.62
N THR B 135 8.43 -1.63 1.12
CA THR B 135 7.27 -1.38 1.94
C THR B 135 6.00 -1.17 1.12
N SER B 136 6.12 -1.06 -0.20
CA SER B 136 4.97 -0.88 -1.07
C SER B 136 3.89 -1.90 -0.78
N GLY B 137 2.64 -1.43 -0.68
CA GLY B 137 1.52 -2.31 -0.41
C GLY B 137 1.12 -2.40 1.04
N SER B 138 1.87 -1.77 1.95
CA SER B 138 1.47 -1.80 3.34
C SER B 138 0.12 -1.11 3.51
N PRO B 139 -0.77 -1.65 4.34
CA PRO B 139 -2.10 -1.07 4.48
C PRO B 139 -2.13 0.17 5.36
N ILE B 140 -3.05 1.05 5.00
CA ILE B 140 -3.38 2.24 5.76
C ILE B 140 -4.76 2.00 6.32
N LEU B 141 -4.93 2.27 7.62
CA LEU B 141 -6.08 1.86 8.41
C LEU B 141 -6.84 3.06 8.98
N ASP B 142 -8.15 2.90 9.13
CA ASP B 142 -8.92 3.86 9.90
C ASP B 142 -9.01 3.38 11.35
N LYS B 143 -9.63 4.20 12.20
CA LYS B 143 -9.64 3.90 13.63
C LYS B 143 -10.40 2.61 13.94
N CYS B 144 -11.19 2.12 12.99
CA CYS B 144 -11.88 0.84 13.16
C CYS B 144 -11.07 -0.34 12.63
N GLY B 145 -9.80 -0.12 12.28
CA GLY B 145 -8.99 -1.19 11.76
C GLY B 145 -9.31 -1.63 10.35
N ARG B 146 -10.18 -0.89 9.64
CA ARG B 146 -10.48 -1.20 8.25
C ARG B 146 -9.43 -0.62 7.32
N VAL B 147 -9.15 -1.35 6.24
CA VAL B 147 -8.09 -0.93 5.32
C VAL B 147 -8.68 0.07 4.36
N ILE B 148 -8.20 1.31 4.41
CA ILE B 148 -8.72 2.36 3.55
C ILE B 148 -7.89 2.53 2.29
N GLY B 149 -6.78 1.83 2.18
CA GLY B 149 -5.98 1.87 0.98
C GLY B 149 -4.59 1.33 1.27
N LEU B 150 -3.78 1.29 0.22
CA LEU B 150 -2.43 0.75 0.28
C LEU B 150 -1.43 1.84 -0.01
N TYR B 151 -0.28 1.71 0.66
CA TYR B 151 0.78 2.69 0.64
C TYR B 151 1.78 2.37 -0.46
N GLY B 152 2.29 3.39 -1.14
CA GLY B 152 3.42 3.17 -2.01
C GLY B 152 3.36 3.69 -3.44
N ASN B 153 2.29 4.37 -3.83
CA ASN B 153 2.25 5.05 -5.12
C ASN B 153 2.15 6.54 -4.85
N GLY B 154 3.19 7.29 -5.18
CA GLY B 154 3.27 8.66 -4.74
C GLY B 154 4.16 9.54 -5.58
N VAL B 155 4.63 10.62 -4.95
CA VAL B 155 5.41 11.67 -5.60
C VAL B 155 6.43 12.17 -4.58
N VAL B 156 7.42 12.91 -5.08
CA VAL B 156 8.41 13.56 -4.25
C VAL B 156 8.18 15.06 -4.33
N ILE B 157 8.10 15.71 -3.16
CA ILE B 157 7.65 17.09 -3.03
C ILE B 157 8.81 18.04 -3.35
N LYS B 158 8.49 19.33 -3.54
CA LYS B 158 9.50 20.31 -3.92
C LYS B 158 10.73 20.29 -3.03
N ASN B 159 10.65 19.68 -1.84
CA ASN B 159 11.77 19.62 -0.91
C ASN B 159 12.41 18.22 -0.83
N GLY B 160 12.03 17.28 -1.69
CA GLY B 160 12.60 15.95 -1.67
C GLY B 160 11.94 14.95 -0.75
N SER B 161 10.89 15.33 -0.03
CA SER B 161 10.15 14.38 0.79
C SER B 161 9.14 13.59 -0.06
N TYR B 162 8.81 12.40 0.41
CA TYR B 162 7.91 11.49 -0.28
C TYR B 162 6.51 11.56 0.30
N VAL B 163 5.52 11.56 -0.58
CA VAL B 163 4.11 11.51 -0.19
C VAL B 163 3.43 10.42 -1.02
N SER B 164 2.75 9.48 -0.33
CA SER B 164 2.05 8.38 -0.96
C SER B 164 0.57 8.68 -1.05
N ALA B 165 -0.05 8.39 -2.18
CA ALA B 165 -1.49 8.31 -2.18
C ALA B 165 -1.95 7.24 -1.20
N ILE B 166 -3.15 7.43 -0.67
CA ILE B 166 -3.92 6.34 -0.08
C ILE B 166 -4.66 5.69 -1.25
N THR B 167 -4.14 4.57 -1.76
CA THR B 167 -4.69 3.98 -2.98
C THR B 167 -5.71 2.91 -2.61
N GLN B 168 -6.96 3.15 -2.95
CA GLN B 168 -8.03 2.21 -2.64
C GLN B 168 -8.68 1.76 -3.94
N GLY B 169 -9.03 0.48 -4.00
CA GLY B 169 -9.68 -0.09 -5.16
C GLY B 169 -11.19 0.01 -5.04
N LYS B 170 -11.87 -0.58 -6.02
CA LYS B 170 -13.32 -0.66 -6.05
C LYS B 170 -13.75 -2.10 -5.75
N ARG B 171 -14.71 -2.26 -4.84
CA ARG B 171 -15.23 -3.58 -4.48
C ARG B 171 -16.42 -3.87 -5.39
N GLU B 172 -16.20 -4.67 -6.44
CA GLU B 172 -17.26 -5.06 -7.37
C GLU B 172 -18.42 -5.75 -6.62
N LYS C 1 9.37 6.83 -6.82
CA LYS C 1 8.01 7.21 -6.48
C LYS C 1 7.24 6.04 -5.89
N LYS C 2 7.85 4.85 -5.93
CA LYS C 2 7.16 3.61 -5.62
C LYS C 2 7.67 2.98 -4.32
N1 V7T C 3 12.07 9.90 -0.62
N2 V7T C 3 11.91 8.89 -2.82
CA V7T C 3 10.54 6.71 -1.79
CD V7T C 3 7.93 3.90 -1.05
CE V7T C 3 7.38 2.78 -1.90
NZ V7T C 3 6.98 3.26 -3.22
CG V7T C 3 8.95 4.73 -1.82
CB V7T C 3 9.52 5.88 -1.01
C2 V7T C 3 11.72 8.89 -1.55
N V7T C 3 11.09 7.76 -0.95
C V7T C 3 11.64 5.79 -2.33
O V7T C 3 11.64 5.46 -3.51
N GLY C 4 12.56 5.38 -1.45
CA GLY C 4 13.67 4.53 -1.85
C GLY C 4 14.48 5.06 -3.01
N BAL C 5 14.44 6.38 -3.21
CB BAL C 5 15.11 7.07 -4.30
CA BAL C 5 15.17 6.25 -5.57
C BAL C 5 13.82 6.05 -6.23
O BAL C 5 13.57 5.05 -6.89
N DAL C 6 12.96 7.06 -6.10
CA DAL C 6 11.78 7.12 -6.95
CB DAL C 6 11.95 8.18 -8.03
C DAL C 6 10.45 7.33 -6.21
O DAL C 6 10.41 7.95 -5.15
#